data_1QUS
#
_entry.id   1QUS
#
_cell.length_a   58.329
_cell.length_b   67.883
_cell.length_c   98.853
_cell.angle_alpha   90.00
_cell.angle_beta   90.00
_cell.angle_gamma   90.00
#
_symmetry.space_group_name_H-M   'P 21 21 21'
#
loop_
_entity.id
_entity.type
_entity.pdbx_description
1 polymer 'LYTIC MUREIN TRANSGLYCOSYLASE B'
2 non-polymer 'SODIUM ION'
3 non-polymer BICINE
4 non-polymer 1,2-ETHANEDIOL
5 water water
#
_entity_poly.entity_id   1
_entity_poly.type   'polypeptide(L)'
_entity_poly.pdbx_seq_one_letter_code
;MVEPQHNVMQMGGDFANNPNAQQFIDKMVNKHGFDRQQLQEILSQAKRLDSVLRLMDNQAPTTSVKPPSGPNGAWLRYRK
KFITPDNVQNGVVFWNQYEDALNRAWQVYGVPPEIIVGIIGVETRWGRVMGKTRILDALATLSFNYPRRAEYFSGELETF
LLMARDEQDDPLNLKGSFAGAMGYGQFMPSSYKQYAVDFSGDGHINLWDPVDAIGSVANYFKAHGWVKGDQVAVMANGQA
PGLPNGFKTKYSISQLAAAGLTPQQPLGNHQQASLLRLDVGTGYQYWYGLPNFYTITRYNHSTHYAMAVWQLGQAVALAR
VQ
;
_entity_poly.pdbx_strand_id   A
#
loop_
_chem_comp.id
_chem_comp.type
_chem_comp.name
_chem_comp.formula
BCN non-polymer BICINE 'C6 H13 N O4'
EDO non-polymer 1,2-ETHANEDIOL 'C2 H6 O2'
NA non-polymer 'SODIUM ION' 'Na 1'
#
# COMPACT_ATOMS: atom_id res chain seq x y z
N MET A 1 26.80 33.76 16.28
CA MET A 1 25.67 33.65 15.31
C MET A 1 25.62 32.26 14.66
N VAL A 2 26.29 32.10 13.51
CA VAL A 2 26.31 30.80 12.85
C VAL A 2 27.22 29.82 13.60
N GLU A 3 26.64 28.69 14.01
CA GLU A 3 27.35 27.65 14.74
C GLU A 3 27.57 26.44 13.82
N PRO A 4 28.77 26.34 13.22
CA PRO A 4 29.14 25.24 12.31
C PRO A 4 29.20 23.89 13.02
N GLN A 5 29.70 23.92 14.25
CA GLN A 5 29.84 22.72 15.07
C GLN A 5 30.55 21.57 14.36
N HIS A 6 31.62 21.90 13.65
CA HIS A 6 32.42 20.91 12.92
C HIS A 6 32.93 19.84 13.90
N ASN A 7 33.25 20.25 15.13
CA ASN A 7 33.77 19.33 16.15
C ASN A 7 32.74 18.45 16.87
N VAL A 8 31.45 18.67 16.61
CA VAL A 8 30.41 17.85 17.21
C VAL A 8 30.20 16.68 16.25
N MET A 9 31.07 15.68 16.36
CA MET A 9 31.03 14.51 15.47
C MET A 9 30.37 13.26 16.05
N GLN A 10 29.86 13.35 17.28
CA GLN A 10 29.20 12.19 17.90
C GLN A 10 27.83 12.50 18.46
N MET A 11 26.80 12.00 17.76
CA MET A 11 25.42 12.20 18.19
C MET A 11 25.06 11.20 19.28
N GLY A 12 24.08 11.57 20.09
CA GLY A 12 23.62 10.70 21.16
C GLY A 12 22.39 9.94 20.72
N GLY A 13 21.61 9.44 21.68
CA GLY A 13 20.41 8.70 21.36
C GLY A 13 20.57 7.20 21.13
N ASP A 14 19.48 6.57 20.72
CA ASP A 14 19.40 5.13 20.47
C ASP A 14 20.31 4.61 19.36
N PHE A 15 20.70 5.48 18.45
CA PHE A 15 21.56 5.08 17.34
C PHE A 15 22.98 5.67 17.45
N ALA A 16 23.32 6.12 18.66
CA ALA A 16 24.61 6.74 18.98
C ALA A 16 25.89 6.05 18.51
N ASN A 17 26.01 4.76 18.79
CA ASN A 17 27.22 4.04 18.40
C ASN A 17 26.90 2.99 17.35
N ASN A 18 26.08 3.38 16.38
CA ASN A 18 25.64 2.52 15.30
C ASN A 18 26.34 2.85 13.98
N PRO A 19 27.18 1.93 13.49
CA PRO A 19 27.92 2.13 12.23
C PRO A 19 27.02 2.38 11.02
N ASN A 20 25.87 1.70 11.01
CA ASN A 20 24.92 1.85 9.92
C ASN A 20 24.40 3.29 9.85
N ALA A 21 24.12 3.89 11.01
CA ALA A 21 23.65 5.28 11.06
C ALA A 21 24.74 6.23 10.57
N GLN A 22 26.00 5.95 10.94
CA GLN A 22 27.11 6.80 10.51
C GLN A 22 27.29 6.75 9.01
N GLN A 23 27.23 5.55 8.43
CA GLN A 23 27.37 5.35 6.99
C GLN A 23 26.21 6.04 6.25
N PHE A 24 25.02 5.97 6.84
CA PHE A 24 23.84 6.60 6.25
C PHE A 24 24.02 8.11 6.23
N ILE A 25 24.49 8.69 7.32
CA ILE A 25 24.71 10.14 7.38
C ILE A 25 25.70 10.53 6.27
N ASP A 26 26.80 9.79 6.15
CA ASP A 26 27.81 10.06 5.12
C ASP A 26 27.18 10.06 3.72
N LYS A 27 26.32 9.09 3.46
CA LYS A 27 25.64 9.00 2.18
C LYS A 27 24.76 10.22 1.91
N MET A 28 23.99 10.64 2.90
CA MET A 28 23.10 11.79 2.72
C MET A 28 23.87 13.09 2.46
N VAL A 29 24.99 13.24 3.16
CA VAL A 29 25.83 14.42 3.02
C VAL A 29 26.49 14.41 1.64
N ASN A 30 27.12 13.29 1.31
CA ASN A 30 27.81 13.12 0.03
C ASN A 30 26.92 13.21 -1.21
N LYS A 31 25.84 12.43 -1.19
CA LYS A 31 24.91 12.36 -2.31
C LYS A 31 23.87 13.47 -2.43
N HIS A 32 23.30 13.91 -1.32
CA HIS A 32 22.24 14.92 -1.37
C HIS A 32 22.48 16.28 -0.74
N GLY A 33 23.73 16.55 -0.37
CA GLY A 33 24.05 17.84 0.20
C GLY A 33 23.47 18.12 1.59
N PHE A 34 23.17 17.08 2.36
CA PHE A 34 22.67 17.28 3.72
C PHE A 34 23.85 17.74 4.60
N ASP A 35 23.54 18.37 5.73
CA ASP A 35 24.55 18.82 6.66
C ASP A 35 24.67 17.77 7.74
N ARG A 36 25.89 17.26 7.97
CA ARG A 36 26.09 16.24 8.99
C ARG A 36 25.54 16.57 10.38
N GLN A 37 25.84 17.75 10.90
CA GLN A 37 25.35 18.10 12.24
C GLN A 37 23.84 18.21 12.31
N GLN A 38 23.22 18.75 11.27
CA GLN A 38 21.76 18.88 11.22
C GLN A 38 21.14 17.48 11.22
N LEU A 39 21.69 16.60 10.40
CA LEU A 39 21.19 15.23 10.33
C LEU A 39 21.46 14.48 11.64
N GLN A 40 22.61 14.73 12.27
CA GLN A 40 22.90 14.10 13.56
C GLN A 40 21.87 14.55 14.61
N GLU A 41 21.44 15.80 14.54
CA GLU A 41 20.45 16.31 15.50
C GLU A 41 19.11 15.59 15.35
N ILE A 42 18.72 15.34 14.12
CA ILE A 42 17.47 14.65 13.81
C ILE A 42 17.55 13.20 14.27
N LEU A 43 18.61 12.51 13.85
CA LEU A 43 18.77 11.10 14.22
C LEU A 43 19.03 10.85 15.70
N SER A 44 19.54 11.85 16.43
CA SER A 44 19.78 11.67 17.85
C SER A 44 18.43 11.54 18.55
N GLN A 45 17.37 12.04 17.90
CA GLN A 45 16.03 11.97 18.47
C GLN A 45 15.26 10.73 17.99
N ALA A 46 15.78 10.06 16.96
CA ALA A 46 15.12 8.86 16.43
C ALA A 46 15.22 7.74 17.47
N LYS A 47 14.14 6.98 17.59
CA LYS A 47 14.04 5.89 18.57
C LYS A 47 14.14 4.51 17.92
N ARG A 48 14.85 3.60 18.59
CA ARG A 48 14.97 2.22 18.14
C ARG A 48 13.80 1.49 18.79
N LEU A 49 12.80 1.14 17.97
CA LEU A 49 11.60 0.51 18.44
C LEU A 49 11.59 -1.01 18.33
N ASP A 50 11.61 -1.67 19.49
CA ASP A 50 11.57 -3.12 19.55
C ASP A 50 10.33 -3.67 18.84
N SER A 51 9.20 -2.99 19.00
CA SER A 51 7.94 -3.41 18.38
C SER A 51 8.01 -3.46 16.86
N VAL A 52 8.71 -2.49 16.28
CA VAL A 52 8.86 -2.44 14.84
C VAL A 52 9.67 -3.66 14.35
N LEU A 53 10.67 -4.04 15.14
CA LEU A 53 11.51 -5.19 14.80
C LEU A 53 10.72 -6.51 14.95
N ARG A 54 9.96 -6.65 16.03
CA ARG A 54 9.15 -7.84 16.27
C ARG A 54 8.12 -8.02 15.16
N LEU A 55 7.45 -6.94 14.77
CA LEU A 55 6.44 -7.03 13.73
C LEU A 55 7.01 -7.38 12.36
N MET A 56 8.19 -6.85 12.03
CA MET A 56 8.79 -7.14 10.74
C MET A 56 9.25 -8.61 10.70
N ASP A 57 9.60 -9.15 11.86
CA ASP A 57 10.02 -10.55 11.97
C ASP A 57 8.81 -11.47 11.86
N ASN A 58 7.69 -11.06 12.46
CA ASN A 58 6.45 -11.86 12.44
C ASN A 58 5.86 -12.08 11.06
N GLN A 59 6.36 -11.35 10.07
CA GLN A 59 5.88 -11.47 8.69
C GLN A 59 7.02 -11.71 7.71
N GLY A 70 -9.17 -27.02 6.89
CA GLY A 70 -9.96 -26.37 5.81
C GLY A 70 -10.79 -27.34 4.96
N PRO A 71 -11.94 -26.88 4.43
CA PRO A 71 -12.49 -25.53 4.58
C PRO A 71 -12.87 -25.17 6.02
N ASN A 72 -12.38 -24.03 6.49
CA ASN A 72 -12.66 -23.55 7.83
C ASN A 72 -13.25 -22.14 7.86
N GLY A 73 -13.56 -21.60 6.67
CA GLY A 73 -14.15 -20.28 6.56
C GLY A 73 -13.16 -19.13 6.56
N ALA A 74 -11.92 -19.40 6.14
CA ALA A 74 -10.85 -18.40 6.13
C ALA A 74 -11.20 -17.08 5.46
N TRP A 75 -11.72 -17.15 4.23
CA TRP A 75 -12.06 -15.93 3.51
C TRP A 75 -13.18 -15.17 4.23
N LEU A 76 -14.16 -15.90 4.74
CA LEU A 76 -15.27 -15.27 5.47
C LEU A 76 -14.77 -14.43 6.64
N ARG A 77 -13.80 -14.95 7.39
CA ARG A 77 -13.25 -14.21 8.52
C ARG A 77 -12.49 -12.96 8.09
N TYR A 78 -11.73 -13.07 7.00
CA TYR A 78 -10.96 -11.93 6.50
C TYR A 78 -11.89 -10.83 5.98
N ARG A 79 -12.88 -11.25 5.20
CA ARG A 79 -13.84 -10.35 4.59
C ARG A 79 -14.60 -9.51 5.63
N LYS A 80 -15.08 -10.15 6.70
CA LYS A 80 -15.84 -9.43 7.71
C LYS A 80 -15.05 -8.38 8.51
N LYS A 81 -13.74 -8.37 8.33
CA LYS A 81 -12.90 -7.37 9.01
C LYS A 81 -13.06 -6.04 8.28
N PHE A 82 -13.45 -6.11 7.01
CA PHE A 82 -13.58 -4.92 6.17
C PHE A 82 -14.96 -4.58 5.64
N ILE A 83 -15.76 -5.61 5.34
CA ILE A 83 -17.08 -5.39 4.79
C ILE A 83 -18.17 -5.48 5.84
N THR A 84 -18.38 -4.36 6.51
CA THR A 84 -19.37 -4.25 7.59
C THR A 84 -20.27 -3.06 7.29
N PRO A 85 -21.46 -3.02 7.91
CA PRO A 85 -22.35 -1.88 7.64
C PRO A 85 -21.65 -0.54 7.91
N ASP A 86 -20.94 -0.44 9.03
CA ASP A 86 -20.25 0.81 9.37
C ASP A 86 -19.23 1.20 8.30
N ASN A 87 -18.41 0.24 7.86
CA ASN A 87 -17.43 0.52 6.81
C ASN A 87 -18.05 0.89 5.48
N VAL A 88 -19.05 0.14 5.05
CA VAL A 88 -19.73 0.42 3.78
C VAL A 88 -20.37 1.81 3.84
N GLN A 89 -21.02 2.12 4.96
CA GLN A 89 -21.65 3.42 5.14
C GLN A 89 -20.63 4.57 5.13
N ASN A 90 -19.48 4.37 5.80
CA ASN A 90 -18.43 5.39 5.81
C ASN A 90 -17.81 5.51 4.41
N GLY A 91 -17.79 4.38 3.68
CA GLY A 91 -17.29 4.38 2.33
C GLY A 91 -18.15 5.21 1.41
N VAL A 92 -19.48 5.13 1.60
CA VAL A 92 -20.40 5.92 0.79
C VAL A 92 -20.17 7.40 1.06
N VAL A 93 -19.97 7.76 2.34
CA VAL A 93 -19.72 9.14 2.73
C VAL A 93 -18.45 9.69 2.08
N PHE A 94 -17.40 8.87 2.06
CA PHE A 94 -16.13 9.28 1.47
C PHE A 94 -16.28 9.49 -0.05
N TRP A 95 -16.90 8.51 -0.72
CA TRP A 95 -17.09 8.56 -2.17
C TRP A 95 -17.86 9.85 -2.57
N ASN A 96 -18.98 10.10 -1.89
CA ASN A 96 -19.80 11.29 -2.19
C ASN A 96 -19.03 12.59 -1.94
N GLN A 97 -18.29 12.61 -0.84
CA GLN A 97 -17.51 13.79 -0.47
C GLN A 97 -16.43 14.10 -1.51
N TYR A 98 -15.79 13.06 -2.04
CA TYR A 98 -14.73 13.24 -3.00
C TYR A 98 -15.07 12.75 -4.40
N GLU A 99 -16.36 12.83 -4.75
CA GLU A 99 -16.82 12.35 -6.05
C GLU A 99 -16.14 13.02 -7.24
N ASP A 100 -15.91 14.34 -7.16
CA ASP A 100 -15.25 15.01 -8.29
C ASP A 100 -13.82 14.48 -8.48
N ALA A 101 -13.08 14.31 -7.40
CA ALA A 101 -11.70 13.80 -7.49
C ALA A 101 -11.70 12.37 -8.02
N LEU A 102 -12.63 11.55 -7.52
CA LEU A 102 -12.73 10.17 -7.98
C LEU A 102 -13.05 10.10 -9.47
N ASN A 103 -13.98 10.95 -9.93
CA ASN A 103 -14.34 10.97 -11.35
C ASN A 103 -13.16 11.41 -12.21
N ARG A 104 -12.41 12.40 -11.71
CA ARG A 104 -11.26 12.95 -12.40
C ARG A 104 -10.16 11.90 -12.51
N ALA A 105 -10.01 11.08 -11.47
CA ALA A 105 -9.01 10.03 -11.47
C ALA A 105 -9.37 8.93 -12.49
N TRP A 106 -10.67 8.68 -12.62
CA TRP A 106 -11.20 7.70 -13.57
C TRP A 106 -10.90 8.19 -14.99
N GLN A 107 -11.15 9.47 -15.23
CA GLN A 107 -10.93 10.09 -16.54
C GLN A 107 -9.45 10.16 -16.93
N VAL A 108 -8.60 10.53 -15.97
CA VAL A 108 -7.17 10.66 -16.22
C VAL A 108 -6.39 9.35 -16.22
N TYR A 109 -6.70 8.46 -15.27
CA TYR A 109 -5.97 7.21 -15.12
C TYR A 109 -6.67 5.91 -15.51
N GLY A 110 -7.98 5.99 -15.74
CA GLY A 110 -8.74 4.80 -16.10
C GLY A 110 -9.00 3.83 -14.96
N VAL A 111 -8.81 4.29 -13.74
CA VAL A 111 -9.02 3.46 -12.54
C VAL A 111 -10.36 3.89 -11.94
N PRO A 112 -11.31 2.95 -11.79
CA PRO A 112 -12.63 3.27 -11.25
C PRO A 112 -12.72 3.65 -9.79
N PRO A 113 -13.71 4.48 -9.43
CA PRO A 113 -13.88 4.91 -8.04
C PRO A 113 -13.98 3.76 -7.04
N GLU A 114 -14.68 2.68 -7.37
CA GLU A 114 -14.79 1.57 -6.42
C GLU A 114 -13.44 0.97 -6.00
N ILE A 115 -12.48 0.97 -6.92
CA ILE A 115 -11.16 0.45 -6.61
C ILE A 115 -10.41 1.41 -5.68
N ILE A 116 -10.44 2.71 -5.99
CA ILE A 116 -9.75 3.69 -5.17
C ILE A 116 -10.39 3.78 -3.78
N VAL A 117 -11.73 3.77 -3.73
CA VAL A 117 -12.45 3.81 -2.47
C VAL A 117 -12.14 2.53 -1.66
N GLY A 118 -12.05 1.39 -2.34
CA GLY A 118 -11.74 0.13 -1.68
C GLY A 118 -10.34 0.13 -1.06
N ILE A 119 -9.35 0.60 -1.82
CA ILE A 119 -7.98 0.65 -1.34
C ILE A 119 -7.87 1.54 -0.10
N ILE A 120 -8.39 2.76 -0.20
CA ILE A 120 -8.32 3.70 0.92
C ILE A 120 -9.14 3.20 2.13
N GLY A 121 -10.21 2.46 1.86
CA GLY A 121 -10.99 1.90 2.96
C GLY A 121 -10.25 0.81 3.71
N VAL A 122 -9.67 -0.13 2.95
CA VAL A 122 -8.93 -1.23 3.56
C VAL A 122 -7.67 -0.72 4.26
N GLU A 123 -7.01 0.26 3.65
CA GLU A 123 -5.78 0.77 4.23
C GLU A 123 -5.90 1.62 5.50
N THR A 124 -6.86 2.54 5.53
CA THR A 124 -6.98 3.45 6.66
C THR A 124 -8.41 3.78 7.06
N ARG A 125 -9.38 3.04 6.55
CA ARG A 125 -10.80 3.35 6.81
C ARG A 125 -11.05 4.82 6.47
N TRP A 126 -10.54 5.24 5.32
CA TRP A 126 -10.71 6.59 4.79
C TRP A 126 -10.17 7.69 5.71
N GLY A 127 -8.93 7.50 6.15
CA GLY A 127 -8.26 8.49 6.99
C GLY A 127 -8.45 8.41 8.48
N ARG A 128 -9.20 7.41 8.95
CA ARG A 128 -9.45 7.24 10.38
C ARG A 128 -8.32 6.54 11.12
N VAL A 129 -7.60 5.65 10.42
CA VAL A 129 -6.50 4.92 11.04
C VAL A 129 -5.30 5.01 10.11
N MET A 130 -4.52 6.08 10.29
CA MET A 130 -3.36 6.27 9.45
C MET A 130 -2.02 5.93 10.05
N GLY A 131 -2.03 5.44 11.29
CA GLY A 131 -0.79 5.06 11.93
C GLY A 131 -0.40 6.03 13.02
N LYS A 132 0.23 5.51 14.07
CA LYS A 132 0.61 6.33 15.20
C LYS A 132 2.11 6.37 15.47
N THR A 133 2.88 5.71 14.61
CA THR A 133 4.33 5.63 14.81
C THR A 133 5.09 6.68 14.01
N ARG A 134 6.05 7.35 14.62
CA ARG A 134 6.82 8.33 13.87
C ARG A 134 7.57 7.59 12.74
N ILE A 135 7.37 8.06 11.50
CA ILE A 135 7.99 7.44 10.32
C ILE A 135 9.50 7.37 10.50
N LEU A 136 10.10 8.42 11.07
CA LEU A 136 11.54 8.47 11.29
C LEU A 136 12.03 7.32 12.18
N ASP A 137 11.28 7.04 13.26
CA ASP A 137 11.63 5.97 14.19
C ASP A 137 11.55 4.61 13.50
N ALA A 138 10.46 4.39 12.76
CA ALA A 138 10.27 3.11 12.10
C ALA A 138 11.37 2.86 11.06
N LEU A 139 11.64 3.86 10.24
CA LEU A 139 12.62 3.71 9.18
C LEU A 139 14.06 3.65 9.69
N ALA A 140 14.36 4.40 10.74
CA ALA A 140 15.72 4.38 11.31
C ALA A 140 15.93 3.02 11.96
N THR A 141 14.91 2.53 12.65
CA THR A 141 14.99 1.22 13.33
C THR A 141 15.25 0.11 12.31
N LEU A 142 14.50 0.12 11.20
CA LEU A 142 14.64 -0.90 10.18
C LEU A 142 15.89 -0.77 9.30
N SER A 143 16.41 0.46 9.20
CA SER A 143 17.61 0.73 8.41
C SER A 143 18.87 0.41 9.18
N PHE A 144 18.85 0.69 10.47
CA PHE A 144 20.06 0.54 11.31
C PHE A 144 20.15 -0.64 12.26
N ASN A 145 19.04 -1.32 12.51
CA ASN A 145 19.04 -2.46 13.42
C ASN A 145 18.26 -3.67 12.89
N TYR A 146 18.26 -3.85 11.58
CA TYR A 146 17.54 -4.95 10.94
C TYR A 146 18.26 -5.38 9.65
N PRO A 147 19.35 -6.15 9.78
CA PRO A 147 20.12 -6.60 8.61
C PRO A 147 19.34 -7.20 7.45
N ARG A 148 18.33 -8.01 7.74
CA ARG A 148 17.56 -8.67 6.69
C ARG A 148 17.02 -7.74 5.61
N ARG A 149 16.46 -6.59 6.01
CA ARG A 149 15.94 -5.66 5.02
C ARG A 149 16.54 -4.26 5.15
N ALA A 150 17.74 -4.18 5.71
CA ALA A 150 18.42 -2.89 5.90
C ALA A 150 18.59 -2.11 4.60
N GLU A 151 18.95 -2.76 3.50
CA GLU A 151 19.14 -2.04 2.26
C GLU A 151 17.85 -1.40 1.76
N TYR A 152 16.76 -2.17 1.78
CA TYR A 152 15.46 -1.66 1.34
C TYR A 152 15.04 -0.48 2.22
N PHE A 153 15.06 -0.66 3.53
CA PHE A 153 14.65 0.42 4.44
C PHE A 153 15.54 1.64 4.44
N SER A 154 16.84 1.46 4.22
CA SER A 154 17.74 2.61 4.14
C SER A 154 17.36 3.43 2.92
N GLY A 155 16.93 2.76 1.85
CA GLY A 155 16.50 3.48 0.65
C GLY A 155 15.22 4.26 0.98
N GLU A 156 14.35 3.66 1.79
CA GLU A 156 13.10 4.32 2.19
C GLU A 156 13.39 5.52 3.08
N LEU A 157 14.36 5.39 3.98
CA LEU A 157 14.72 6.49 4.88
C LEU A 157 15.32 7.65 4.10
N GLU A 158 16.18 7.32 3.13
CA GLU A 158 16.81 8.31 2.27
C GLU A 158 15.72 9.11 1.55
N THR A 159 14.77 8.40 0.96
CA THR A 159 13.67 9.03 0.23
C THR A 159 12.75 9.83 1.17
N PHE A 160 12.53 9.30 2.37
CA PHE A 160 11.68 9.98 3.34
C PHE A 160 12.27 11.34 3.70
N LEU A 161 13.57 11.37 3.98
CA LEU A 161 14.22 12.62 4.33
C LEU A 161 14.19 13.62 3.17
N LEU A 162 14.27 13.11 1.95
CA LEU A 162 14.23 13.95 0.76
C LEU A 162 12.80 14.48 0.58
N MET A 163 11.81 13.64 0.88
CA MET A 163 10.40 14.01 0.78
C MET A 163 10.09 15.12 1.77
N ALA A 164 10.53 14.95 3.01
CA ALA A 164 10.28 15.94 4.05
C ALA A 164 10.92 17.27 3.66
N ARG A 165 12.15 17.21 3.13
CA ARG A 165 12.86 18.40 2.68
C ARG A 165 12.06 19.12 1.58
N ASP A 166 11.62 18.36 0.57
CA ASP A 166 10.87 18.92 -0.56
C ASP A 166 9.45 19.41 -0.25
N GLU A 167 8.70 18.67 0.55
CA GLU A 167 7.33 19.07 0.92
C GLU A 167 7.39 20.00 2.12
N GLN A 168 8.60 20.30 2.57
CA GLN A 168 8.85 21.18 3.72
C GLN A 168 8.20 20.73 5.03
N ASP A 169 8.30 19.43 5.30
CA ASP A 169 7.77 18.85 6.53
C ASP A 169 8.91 18.64 7.53
N ASP A 170 8.60 18.74 8.82
CA ASP A 170 9.60 18.45 9.85
C ASP A 170 9.55 16.91 9.84
N PRO A 171 10.67 16.25 9.54
CA PRO A 171 10.66 14.78 9.51
C PRO A 171 10.18 14.09 10.78
N LEU A 172 10.35 14.73 11.93
CA LEU A 172 9.92 14.14 13.21
C LEU A 172 8.43 14.27 13.50
N ASN A 173 7.72 15.07 12.71
CA ASN A 173 6.29 15.26 12.93
C ASN A 173 5.39 14.30 12.17
N LEU A 174 5.95 13.56 11.22
CA LEU A 174 5.11 12.67 10.42
C LEU A 174 4.95 11.29 11.04
N LYS A 175 3.72 10.82 11.07
CA LYS A 175 3.40 9.52 11.65
C LYS A 175 2.78 8.59 10.62
N GLY A 176 2.90 7.29 10.89
CA GLY A 176 2.37 6.29 9.99
C GLY A 176 2.52 4.89 10.55
N SER A 177 2.67 3.91 9.65
CA SER A 177 2.73 2.51 10.09
C SER A 177 4.05 2.09 10.69
N PHE A 178 4.07 0.85 11.19
CA PHE A 178 5.28 0.29 11.78
C PHE A 178 6.35 0.05 10.71
N ALA A 179 5.99 0.16 9.43
CA ALA A 179 6.97 -0.01 8.35
C ALA A 179 7.24 1.30 7.60
N GLY A 180 6.72 2.42 8.11
CA GLY A 180 6.94 3.71 7.48
C GLY A 180 5.93 4.13 6.40
N ALA A 181 4.79 3.43 6.31
CA ALA A 181 3.75 3.77 5.33
C ALA A 181 2.97 5.02 5.79
N MET A 182 2.57 5.86 4.82
CA MET A 182 1.95 7.13 5.15
C MET A 182 0.63 7.54 4.48
N GLY A 183 -0.16 8.31 5.24
CA GLY A 183 -1.38 8.89 4.72
C GLY A 183 -2.55 8.00 4.40
N TYR A 184 -3.51 8.58 3.69
CA TYR A 184 -4.74 7.85 3.33
C TYR A 184 -4.53 6.51 2.63
N GLY A 185 -3.54 6.44 1.73
CA GLY A 185 -3.26 5.23 0.98
C GLY A 185 -2.10 4.39 1.52
N GLN A 186 -1.52 4.83 2.63
CA GLN A 186 -0.38 4.12 3.25
C GLN A 186 0.74 3.91 2.24
N PHE A 187 1.15 5.01 1.61
CA PHE A 187 2.25 4.97 0.63
C PHE A 187 3.61 4.89 1.35
N MET A 188 4.48 4.02 0.87
CA MET A 188 5.85 3.97 1.42
C MET A 188 6.56 5.15 0.74
N PRO A 189 7.67 5.63 1.33
CA PRO A 189 8.40 6.75 0.71
C PRO A 189 8.76 6.50 -0.77
N SER A 190 9.13 5.27 -1.13
CA SER A 190 9.49 4.98 -2.51
C SER A 190 8.29 5.10 -3.45
N SER A 191 7.09 4.83 -2.93
CA SER A 191 5.87 4.97 -3.73
C SER A 191 5.58 6.46 -3.91
N TYR A 192 5.85 7.27 -2.88
CA TYR A 192 5.65 8.71 -3.00
C TYR A 192 6.54 9.19 -4.14
N LYS A 193 7.81 8.77 -4.11
CA LYS A 193 8.79 9.16 -5.12
C LYS A 193 8.40 8.78 -6.54
N GLN A 194 8.02 7.52 -6.74
CA GLN A 194 7.70 7.05 -8.07
C GLN A 194 6.28 7.22 -8.58
N TYR A 195 5.31 7.28 -7.67
CA TYR A 195 3.92 7.34 -8.09
C TYR A 195 2.99 8.42 -7.56
N ALA A 196 3.37 9.12 -6.50
CA ALA A 196 2.46 10.14 -5.97
C ALA A 196 2.39 11.35 -6.90
N VAL A 197 1.21 11.98 -6.94
CA VAL A 197 0.97 13.12 -7.80
C VAL A 197 0.23 14.24 -7.09
N ASP A 198 0.43 15.46 -7.60
CA ASP A 198 -0.30 16.62 -7.07
C ASP A 198 -1.65 16.60 -7.79
N PHE A 199 -2.63 15.92 -7.20
CA PHE A 199 -3.94 15.83 -7.84
C PHE A 199 -4.88 16.95 -7.41
N SER A 200 -4.54 17.60 -6.30
CA SER A 200 -5.37 18.71 -5.80
C SER A 200 -5.08 19.97 -6.62
N GLY A 201 -3.87 20.04 -7.19
CA GLY A 201 -3.47 21.18 -7.98
C GLY A 201 -2.88 22.35 -7.20
N ASP A 202 -2.53 22.14 -5.92
CA ASP A 202 -1.94 23.19 -5.09
C ASP A 202 -0.41 23.34 -5.21
N GLY A 203 0.19 22.51 -6.07
CA GLY A 203 1.63 22.55 -6.27
C GLY A 203 2.42 21.62 -5.37
N HIS A 204 1.72 20.97 -4.44
CA HIS A 204 2.38 20.07 -3.50
C HIS A 204 1.81 18.65 -3.57
N ILE A 205 2.54 17.71 -3.01
CA ILE A 205 2.08 16.33 -3.00
C ILE A 205 2.01 15.95 -1.54
N ASN A 206 0.79 15.92 -1.01
CA ASN A 206 0.53 15.63 0.39
C ASN A 206 -0.21 14.29 0.53
N LEU A 207 0.47 13.28 1.07
CA LEU A 207 -0.12 11.96 1.23
C LEU A 207 -1.29 11.94 2.21
N TRP A 208 -1.42 13.02 3.02
CA TRP A 208 -2.51 13.18 3.97
C TRP A 208 -3.65 14.05 3.43
N ASP A 209 -3.54 14.46 2.17
CA ASP A 209 -4.60 15.25 1.53
C ASP A 209 -5.39 14.18 0.77
N PRO A 210 -6.69 14.04 1.03
CA PRO A 210 -7.48 13.01 0.32
C PRO A 210 -7.52 13.10 -1.20
N VAL A 211 -7.47 14.31 -1.75
CA VAL A 211 -7.48 14.46 -3.21
C VAL A 211 -6.15 13.99 -3.79
N ASP A 212 -5.04 14.43 -3.20
CA ASP A 212 -3.73 13.98 -3.64
C ASP A 212 -3.63 12.45 -3.48
N ALA A 213 -4.18 11.90 -2.39
CA ALA A 213 -4.12 10.46 -2.18
C ALA A 213 -4.90 9.69 -3.23
N ILE A 214 -6.08 10.19 -3.60
CA ILE A 214 -6.90 9.57 -4.62
C ILE A 214 -6.16 9.51 -5.95
N GLY A 215 -5.58 10.65 -6.35
CA GLY A 215 -4.86 10.69 -7.61
C GLY A 215 -3.62 9.82 -7.59
N SER A 216 -2.97 9.74 -6.44
CA SER A 216 -1.75 8.97 -6.27
C SER A 216 -2.03 7.47 -6.35
N VAL A 217 -3.12 7.02 -5.72
CA VAL A 217 -3.51 5.60 -5.78
C VAL A 217 -3.86 5.28 -7.24
N ALA A 218 -4.57 6.18 -7.92
CA ALA A 218 -4.92 5.97 -9.32
C ALA A 218 -3.67 5.83 -10.21
N ASN A 219 -2.70 6.72 -10.00
CA ASN A 219 -1.46 6.69 -10.78
C ASN A 219 -0.66 5.42 -10.50
N TYR A 220 -0.67 4.99 -9.24
CA TYR A 220 0.02 3.76 -8.85
C TYR A 220 -0.60 2.61 -9.65
N PHE A 221 -1.93 2.57 -9.69
CA PHE A 221 -2.63 1.52 -10.41
C PHE A 221 -2.34 1.48 -11.92
N LYS A 222 -2.42 2.65 -12.57
CA LYS A 222 -2.12 2.72 -14.00
C LYS A 222 -0.67 2.31 -14.25
N ALA A 223 0.25 2.77 -13.40
CA ALA A 223 1.67 2.44 -13.55
C ALA A 223 1.92 0.93 -13.43
N HIS A 224 1.09 0.25 -12.64
CA HIS A 224 1.21 -1.20 -12.47
C HIS A 224 0.33 -2.00 -13.42
N GLY A 225 -0.11 -1.38 -14.51
CA GLY A 225 -0.85 -2.11 -15.51
C GLY A 225 -2.36 -2.19 -15.52
N TRP A 226 -3.03 -1.38 -14.71
CA TRP A 226 -4.50 -1.41 -14.69
C TRP A 226 -5.05 -1.14 -16.10
N VAL A 227 -5.92 -2.03 -16.57
CA VAL A 227 -6.55 -1.89 -17.88
C VAL A 227 -7.96 -1.34 -17.68
N LYS A 228 -8.19 -0.12 -18.15
CA LYS A 228 -9.49 0.54 -18.01
C LYS A 228 -10.65 -0.26 -18.60
N GLY A 229 -11.66 -0.53 -17.78
CA GLY A 229 -12.84 -1.27 -18.21
C GLY A 229 -12.75 -2.78 -18.25
N ASP A 230 -11.55 -3.33 -18.01
CA ASP A 230 -11.38 -4.78 -18.04
C ASP A 230 -11.84 -5.43 -16.73
N GLN A 231 -12.31 -6.66 -16.82
CA GLN A 231 -12.78 -7.41 -15.67
C GLN A 231 -11.64 -7.66 -14.68
N VAL A 232 -11.96 -7.74 -13.39
CA VAL A 232 -10.97 -8.00 -12.34
C VAL A 232 -10.79 -9.51 -12.17
N ALA A 233 -11.90 -10.20 -11.92
CA ALA A 233 -11.91 -11.64 -11.74
C ALA A 233 -13.33 -12.12 -12.06
N VAL A 234 -13.46 -13.38 -12.45
CA VAL A 234 -14.77 -13.96 -12.79
C VAL A 234 -14.94 -15.24 -11.97
N MET A 235 -16.03 -15.35 -11.23
CA MET A 235 -16.23 -16.55 -10.42
C MET A 235 -16.46 -17.75 -11.31
N ALA A 236 -15.94 -18.89 -10.88
CA ALA A 236 -16.09 -20.12 -11.62
C ALA A 236 -17.13 -21.05 -11.01
N ASN A 237 -17.75 -21.85 -11.87
CA ASN A 237 -18.66 -22.90 -11.46
C ASN A 237 -17.72 -24.10 -11.48
N GLY A 238 -17.87 -25.00 -10.51
CA GLY A 238 -17.03 -26.18 -10.49
C GLY A 238 -15.91 -26.08 -9.47
N GLN A 239 -15.13 -27.17 -9.36
CA GLN A 239 -14.03 -27.28 -8.43
C GLN A 239 -12.78 -27.72 -9.18
N ALA A 240 -11.63 -27.22 -8.74
CA ALA A 240 -10.36 -27.57 -9.36
C ALA A 240 -9.35 -27.93 -8.26
N PRO A 241 -9.65 -28.98 -7.49
CA PRO A 241 -8.77 -29.42 -6.38
C PRO A 241 -7.37 -29.91 -6.80
N GLY A 242 -7.20 -30.33 -8.05
CA GLY A 242 -5.91 -30.83 -8.48
C GLY A 242 -4.85 -29.81 -8.87
N LEU A 243 -5.27 -28.57 -9.10
CA LEU A 243 -4.34 -27.52 -9.51
C LEU A 243 -3.93 -26.55 -8.38
N PRO A 244 -2.63 -26.23 -8.29
CA PRO A 244 -2.15 -25.30 -7.26
C PRO A 244 -2.88 -23.97 -7.52
N ASN A 245 -3.21 -23.25 -6.46
CA ASN A 245 -3.91 -21.97 -6.60
C ASN A 245 -3.21 -20.81 -5.91
N GLY A 246 -3.67 -19.59 -6.21
CA GLY A 246 -3.09 -18.39 -5.63
C GLY A 246 -2.95 -17.32 -6.69
N PHE A 247 -2.71 -16.07 -6.26
CA PHE A 247 -2.61 -14.98 -7.22
C PHE A 247 -1.41 -15.05 -8.16
N LYS A 248 -0.41 -15.84 -7.79
CA LYS A 248 0.79 -16.00 -8.61
C LYS A 248 0.67 -17.13 -9.63
N THR A 249 -0.39 -17.92 -9.55
CA THR A 249 -0.57 -19.02 -10.50
C THR A 249 -0.99 -18.50 -11.88
N LYS A 250 -0.80 -19.34 -12.90
CA LYS A 250 -1.13 -18.98 -14.26
C LYS A 250 -1.47 -20.25 -15.08
N TYR A 251 -2.69 -20.29 -15.62
CA TYR A 251 -3.19 -21.41 -16.42
C TYR A 251 -3.92 -20.92 -17.65
N SER A 252 -3.95 -21.73 -18.70
CA SER A 252 -4.68 -21.36 -19.90
C SER A 252 -6.14 -21.66 -19.59
N ILE A 253 -7.07 -21.02 -20.30
CA ILE A 253 -8.48 -21.28 -20.06
C ILE A 253 -8.77 -22.75 -20.36
N SER A 254 -8.03 -23.31 -21.30
CA SER A 254 -8.18 -24.72 -21.67
C SER A 254 -7.87 -25.65 -20.50
N GLN A 255 -6.77 -25.37 -19.79
CA GLN A 255 -6.37 -26.19 -18.63
C GLN A 255 -7.41 -26.11 -17.51
N LEU A 256 -7.94 -24.90 -17.30
CA LEU A 256 -8.93 -24.69 -16.25
C LEU A 256 -10.21 -25.45 -16.58
N ALA A 257 -10.56 -25.51 -17.86
CA ALA A 257 -11.74 -26.24 -18.30
C ALA A 257 -11.54 -27.74 -18.03
N ALA A 258 -10.35 -28.25 -18.39
CA ALA A 258 -10.02 -29.66 -18.18
C ALA A 258 -10.03 -30.03 -16.70
N ALA A 259 -9.87 -29.04 -15.83
CA ALA A 259 -9.85 -29.26 -14.39
C ALA A 259 -11.26 -29.25 -13.79
N GLY A 260 -12.25 -28.91 -14.61
CA GLY A 260 -13.63 -28.90 -14.15
C GLY A 260 -14.27 -27.53 -13.92
N LEU A 261 -13.69 -26.49 -14.50
CA LEU A 261 -14.22 -25.15 -14.32
C LEU A 261 -14.88 -24.54 -15.54
N THR A 262 -15.86 -23.66 -15.29
CA THR A 262 -16.57 -22.92 -16.33
C THR A 262 -16.78 -21.53 -15.74
N PRO A 263 -16.57 -20.47 -16.54
CA PRO A 263 -16.75 -19.12 -16.05
C PRO A 263 -18.22 -18.69 -15.99
N GLN A 264 -18.58 -17.97 -14.93
CA GLN A 264 -19.95 -17.48 -14.74
C GLN A 264 -20.30 -16.31 -15.68
N GLN A 265 -19.27 -15.64 -16.18
CA GLN A 265 -19.41 -14.51 -17.09
C GLN A 265 -18.41 -14.78 -18.22
N PRO A 266 -18.72 -14.33 -19.46
CA PRO A 266 -17.78 -14.58 -20.57
C PRO A 266 -16.40 -13.97 -20.29
N LEU A 267 -15.35 -14.69 -20.67
CA LEU A 267 -13.99 -14.21 -20.44
C LEU A 267 -13.44 -13.37 -21.59
N GLY A 268 -14.27 -13.13 -22.60
CA GLY A 268 -13.85 -12.34 -23.74
C GLY A 268 -12.63 -12.92 -24.43
N ASN A 269 -11.59 -12.11 -24.58
CA ASN A 269 -10.36 -12.54 -25.23
C ASN A 269 -9.26 -13.04 -24.30
N HIS A 270 -9.54 -13.09 -23.00
CA HIS A 270 -8.55 -13.59 -22.03
C HIS A 270 -8.29 -15.08 -22.31
N GLN A 271 -7.03 -15.45 -22.48
CA GLN A 271 -6.64 -16.82 -22.77
C GLN A 271 -5.97 -17.53 -21.60
N GLN A 272 -5.65 -16.78 -20.56
CA GLN A 272 -5.04 -17.32 -19.36
C GLN A 272 -5.62 -16.59 -18.16
N ALA A 273 -5.46 -17.20 -16.98
CA ALA A 273 -5.95 -16.62 -15.74
C ALA A 273 -5.29 -17.31 -14.57
N SER A 274 -5.24 -16.63 -13.43
CA SER A 274 -4.72 -17.25 -12.22
C SER A 274 -5.90 -18.03 -11.64
N LEU A 275 -5.60 -19.04 -10.84
CA LEU A 275 -6.66 -19.81 -10.20
C LEU A 275 -6.72 -19.37 -8.74
N LEU A 276 -7.80 -18.65 -8.39
CA LEU A 276 -7.98 -18.18 -7.03
C LEU A 276 -8.98 -19.11 -6.35
N ARG A 277 -8.74 -19.37 -5.07
CA ARG A 277 -9.62 -20.23 -4.30
C ARG A 277 -9.92 -19.57 -2.95
N LEU A 278 -11.20 -19.32 -2.71
CA LEU A 278 -11.63 -18.70 -1.47
C LEU A 278 -12.35 -19.73 -0.58
N ASP A 279 -11.95 -19.77 0.68
CA ASP A 279 -12.53 -20.68 1.65
C ASP A 279 -13.80 -20.07 2.23
N VAL A 280 -14.96 -20.53 1.75
CA VAL A 280 -16.24 -20.00 2.23
C VAL A 280 -16.93 -20.85 3.31
N GLY A 281 -16.16 -21.64 4.06
CA GLY A 281 -16.73 -22.46 5.12
C GLY A 281 -17.37 -23.76 4.66
N THR A 282 -18.44 -23.66 3.89
CA THR A 282 -19.15 -24.83 3.37
C THR A 282 -18.36 -25.53 2.26
N GLY A 283 -17.31 -24.87 1.77
CA GLY A 283 -16.49 -25.42 0.72
C GLY A 283 -15.56 -24.36 0.14
N TYR A 284 -15.13 -24.58 -1.09
CA TYR A 284 -14.24 -23.63 -1.76
C TYR A 284 -14.90 -23.01 -2.96
N GLN A 285 -14.64 -21.72 -3.15
CA GLN A 285 -15.19 -20.95 -4.25
C GLN A 285 -14.01 -20.57 -5.15
N TYR A 286 -13.99 -21.09 -6.37
CA TYR A 286 -12.92 -20.82 -7.31
C TYR A 286 -13.20 -19.64 -8.23
N TRP A 287 -12.14 -18.91 -8.59
CA TRP A 287 -12.28 -17.77 -9.48
C TRP A 287 -11.19 -17.75 -10.53
N TYR A 288 -11.51 -17.17 -11.69
CA TYR A 288 -10.55 -16.94 -12.77
C TYR A 288 -9.98 -15.55 -12.44
N GLY A 289 -8.72 -15.47 -12.02
CA GLY A 289 -8.13 -14.17 -11.75
C GLY A 289 -7.61 -13.55 -13.03
N LEU A 290 -8.03 -12.33 -13.33
CA LEU A 290 -7.61 -11.67 -14.56
C LEU A 290 -6.49 -10.66 -14.25
N PRO A 291 -5.87 -10.07 -15.29
CA PRO A 291 -4.78 -9.12 -15.03
C PRO A 291 -5.04 -8.03 -13.99
N ASN A 292 -6.22 -7.41 -14.02
CA ASN A 292 -6.54 -6.35 -13.07
C ASN A 292 -6.52 -6.82 -11.63
N PHE A 293 -6.85 -8.10 -11.39
CA PHE A 293 -6.78 -8.64 -10.03
C PHE A 293 -5.32 -8.64 -9.61
N TYR A 294 -4.45 -9.13 -10.48
CA TYR A 294 -3.02 -9.15 -10.15
C TYR A 294 -2.53 -7.71 -9.88
N THR A 295 -3.04 -6.73 -10.63
CA THR A 295 -2.64 -5.35 -10.41
C THR A 295 -2.99 -4.90 -8.99
N ILE A 296 -4.14 -5.34 -8.47
CA ILE A 296 -4.50 -4.97 -7.10
C ILE A 296 -3.48 -5.56 -6.11
N THR A 297 -3.02 -6.79 -6.38
CA THR A 297 -2.05 -7.43 -5.47
C THR A 297 -0.70 -6.69 -5.51
N ARG A 298 -0.49 -5.83 -6.51
CA ARG A 298 0.77 -5.05 -6.57
C ARG A 298 0.77 -4.02 -5.43
N TYR A 299 -0.40 -3.75 -4.84
CA TYR A 299 -0.49 -2.83 -3.70
C TYR A 299 -0.19 -3.58 -2.40
N ASN A 300 -0.58 -4.85 -2.34
CA ASN A 300 -0.32 -5.70 -1.17
C ASN A 300 -0.42 -7.11 -1.71
N HIS A 301 0.69 -7.85 -1.66
CA HIS A 301 0.76 -9.21 -2.20
C HIS A 301 -0.11 -10.24 -1.46
N SER A 302 -1.42 -10.20 -1.69
CA SER A 302 -2.31 -11.11 -1.01
C SER A 302 -3.64 -11.26 -1.75
N THR A 303 -4.05 -12.51 -1.95
CA THR A 303 -5.33 -12.82 -2.61
C THR A 303 -6.48 -12.25 -1.77
N HIS A 304 -6.42 -12.48 -0.46
CA HIS A 304 -7.48 -11.98 0.43
C HIS A 304 -7.56 -10.46 0.39
N TYR A 305 -6.40 -9.80 0.45
CA TYR A 305 -6.36 -8.34 0.41
C TYR A 305 -7.04 -7.80 -0.86
N ALA A 306 -6.62 -8.32 -2.01
CA ALA A 306 -7.16 -7.84 -3.28
C ALA A 306 -8.67 -8.09 -3.43
N MET A 307 -9.12 -9.25 -2.96
CA MET A 307 -10.55 -9.59 -3.03
C MET A 307 -11.35 -8.69 -2.09
N ALA A 308 -10.78 -8.35 -0.93
CA ALA A 308 -11.47 -7.48 0.05
C ALA A 308 -11.54 -6.05 -0.49
N VAL A 309 -10.45 -5.60 -1.11
CA VAL A 309 -10.43 -4.27 -1.70
C VAL A 309 -11.51 -4.16 -2.77
N TRP A 310 -11.56 -5.15 -3.66
CA TRP A 310 -12.52 -5.18 -4.75
C TRP A 310 -13.98 -5.26 -4.26
N GLN A 311 -14.27 -6.23 -3.40
CA GLN A 311 -15.62 -6.39 -2.89
C GLN A 311 -16.09 -5.24 -2.00
N LEU A 312 -15.17 -4.63 -1.24
CA LEU A 312 -15.57 -3.48 -0.41
C LEU A 312 -16.01 -2.37 -1.36
N GLY A 313 -15.23 -2.15 -2.42
CA GLY A 313 -15.55 -1.12 -3.39
C GLY A 313 -16.90 -1.40 -4.04
N GLN A 314 -17.16 -2.67 -4.36
CA GLN A 314 -18.45 -3.04 -4.96
C GLN A 314 -19.61 -2.80 -3.99
N ALA A 315 -19.39 -3.15 -2.72
CA ALA A 315 -20.42 -2.98 -1.70
C ALA A 315 -20.77 -1.50 -1.52
N VAL A 316 -19.75 -0.63 -1.56
CA VAL A 316 -19.96 0.81 -1.43
C VAL A 316 -20.71 1.33 -2.67
N ALA A 317 -20.31 0.89 -3.86
CA ALA A 317 -20.97 1.33 -5.09
C ALA A 317 -22.47 1.01 -5.06
N LEU A 318 -22.81 -0.17 -4.53
CA LEU A 318 -24.22 -0.60 -4.41
C LEU A 318 -24.95 0.21 -3.36
N ALA A 319 -24.30 0.45 -2.23
CA ALA A 319 -24.92 1.22 -1.14
C ALA A 319 -25.21 2.67 -1.54
N ARG A 320 -24.48 3.16 -2.54
CA ARG A 320 -24.64 4.52 -3.05
C ARG A 320 -25.88 4.64 -3.92
N VAL A 321 -26.19 3.56 -4.63
CA VAL A 321 -27.33 3.49 -5.54
C VAL A 321 -28.66 3.57 -4.81
N GLN A 322 -28.73 2.90 -3.67
CA GLN A 322 -29.96 2.84 -2.87
C GLN A 322 -30.47 4.24 -2.50
NA NA B . -1.53 18.67 -4.14
N1 BCN C . 2.24 -0.24 -0.58
C1 BCN C . 2.87 -1.51 -0.94
C2 BCN C . 4.33 -1.31 -1.30
O21 BCN C . 4.97 -2.29 -1.76
O22 BCN C . 4.87 -0.19 -1.12
C3 BCN C . 1.12 -0.46 0.36
C4 BCN C . 1.59 -0.29 1.80
O4 BCN C . 2.74 0.57 1.84
C5 BCN C . 1.74 0.46 -1.77
C6 BCN C . 1.97 1.96 -1.63
O6 BCN C . 3.28 2.20 -1.13
C1 EDO D . 6.81 -3.08 2.50
O1 EDO D . 7.64 -4.16 2.07
C2 EDO D . 7.22 -2.64 3.89
O2 EDO D . 7.23 -3.76 4.77
#